data_4TPI
#
_entry.id   4TPI
#
_cell.length_a   75.510
_cell.length_b   85.450
_cell.length_c   122.300
_cell.angle_alpha   90.00
_cell.angle_beta   90.00
_cell.angle_gamma   90.00
#
_symmetry.space_group_name_H-M   'I 2 2 2'
#
loop_
_entity.id
_entity.type
_entity.pdbx_description
1 polymer TRYPSINOGEN
2 polymer 'BOVINE PANCREATIC TRYPSIN INHIBITOR'
3 non-polymer VALINE
4 non-polymer 'CALCIUM ION'
5 non-polymer 'SULFATE ION'
6 water water
#
loop_
_entity_poly.entity_id
_entity_poly.type
_entity_poly.pdbx_seq_one_letter_code
_entity_poly.pdbx_strand_id
1 'polypeptide(L)'
;VDDDDKIVGGYTCGANTVPYQVSLNSGYHFCGGSLINSQWVVSAAHCYKSGIQVRLGEDNINVVEGNEQFISASKSIVHP
SYNSNTLNNDIMLIKLKSAASLNSRVASISLPTSCASAGTQCLISGWGNTKSSGTSYPDVLKCLKAPILSDSSCKSAYPG
QITSNMFCAGYLEGGKDSCQGDSGGPVVCSGKLQGIVSWGSGCAQKNKPGVYTKVCNYVSWIKQTIASN
;
Z
2 'polypeptide(L)' RPDFCLEPPYTGPCRARIIRYFYNAKAGLCQTFVYGGCRAKRNNFKSAEDCMRTCGGA I
#
# COMPACT_ATOMS: atom_id res chain seq x y z
N ILE A 7 19.94 3.02 -15.01
CA ILE A 7 18.93 3.94 -14.45
C ILE A 7 17.90 3.20 -13.59
N VAL A 8 18.01 3.37 -12.29
CA VAL A 8 17.09 2.76 -11.33
C VAL A 8 15.86 3.61 -11.11
N GLY A 9 14.73 2.93 -10.97
CA GLY A 9 13.40 3.55 -10.93
C GLY A 9 13.22 4.58 -9.81
N GLY A 10 13.25 4.06 -8.58
CA GLY A 10 13.08 4.89 -7.38
C GLY A 10 14.31 5.74 -7.08
N TYR A 11 14.11 6.81 -6.34
CA TYR A 11 15.20 7.65 -5.80
C TYR A 11 14.87 8.14 -4.38
N THR A 12 15.86 8.50 -3.61
CA THR A 12 15.63 8.88 -2.21
C THR A 12 15.03 10.26 -2.18
N CYS A 13 13.73 10.34 -1.98
CA CYS A 13 12.98 11.61 -2.17
C CYS A 13 13.65 12.85 -1.60
N GLY A 14 14.27 12.63 -0.46
CA GLY A 14 14.75 13.67 0.46
C GLY A 14 13.87 13.66 1.70
N ALA A 15 14.44 13.92 2.86
CA ALA A 15 13.69 14.10 4.09
C ALA A 15 12.61 15.18 4.05
N ASN A 16 11.44 14.68 4.43
CA ASN A 16 10.21 15.43 4.66
C ASN A 16 9.81 16.21 3.42
N THR A 17 10.26 15.73 2.27
CA THR A 17 9.88 16.36 1.01
C THR A 17 8.54 15.85 0.52
N VAL A 18 8.08 14.79 1.06
CA VAL A 18 6.71 14.36 0.76
C VAL A 18 5.90 14.32 2.05
N PRO A 19 5.47 15.51 2.45
CA PRO A 19 5.05 15.79 3.83
C PRO A 19 3.69 15.13 4.14
N TYR A 20 3.01 14.61 3.14
CA TYR A 20 1.71 14.00 3.37
C TYR A 20 1.75 12.48 3.41
N GLN A 21 3.01 11.94 3.40
CA GLN A 21 3.18 10.49 3.40
C GLN A 21 3.08 10.02 4.82
N VAL A 22 2.38 8.96 5.01
CA VAL A 22 2.38 8.36 6.32
C VAL A 22 2.88 6.92 6.37
N SER A 23 3.41 6.54 7.47
CA SER A 23 3.66 5.14 7.62
C SER A 23 2.53 4.56 8.43
N LEU A 24 1.88 3.48 8.00
CA LEU A 24 1.04 2.69 8.90
C LEU A 24 1.88 1.61 9.57
N ASN A 25 1.86 1.56 10.90
CA ASN A 25 2.64 0.65 11.74
C ASN A 25 1.83 -0.26 12.66
N SER A 26 2.17 -1.47 12.74
CA SER A 26 1.61 -2.33 13.76
C SER A 26 2.70 -3.18 14.42
N GLY A 27 3.77 -2.52 14.87
CA GLY A 27 4.93 -3.30 15.25
C GLY A 27 6.08 -3.14 14.26
N TYR A 28 5.72 -2.82 13.00
CA TYR A 28 6.58 -2.59 11.83
C TYR A 28 5.68 -1.90 10.84
N HIS A 29 6.30 -1.39 9.82
CA HIS A 29 5.74 -0.67 8.70
C HIS A 29 5.09 -1.67 7.76
N PHE A 30 3.78 -1.56 7.64
CA PHE A 30 3.12 -2.56 6.81
C PHE A 30 2.50 -1.95 5.55
N CYS A 31 2.22 -0.67 5.57
CA CYS A 31 1.66 0.04 4.41
C CYS A 31 1.97 1.50 4.54
N GLY A 32 1.61 2.23 3.51
CA GLY A 32 1.62 3.69 3.49
C GLY A 32 0.20 4.24 3.57
N GLY A 33 0.13 5.55 3.37
CA GLY A 33 -1.12 6.31 3.36
C GLY A 33 -0.81 7.79 3.22
N SER A 34 -1.83 8.59 2.94
CA SER A 34 -1.78 10.06 2.67
C SER A 34 -2.70 10.78 3.65
N LEU A 35 -2.14 11.84 4.23
CA LEU A 35 -2.79 12.78 5.12
C LEU A 35 -3.61 13.74 4.29
N ILE A 36 -4.92 13.69 4.44
CA ILE A 36 -5.85 14.52 3.65
C ILE A 36 -6.50 15.67 4.42
N ASN A 37 -6.37 15.59 5.74
CA ASN A 37 -6.49 16.72 6.69
C ASN A 37 -5.95 16.25 8.02
N SER A 38 -5.90 17.15 9.02
CA SER A 38 -5.23 16.86 10.31
C SER A 38 -5.64 15.65 11.14
N GLN A 39 -6.82 15.10 10.91
CA GLN A 39 -7.29 13.88 11.58
C GLN A 39 -7.64 12.72 10.65
N TRP A 40 -7.57 12.92 9.35
CA TRP A 40 -7.84 11.79 8.45
C TRP A 40 -6.71 11.33 7.53
N VAL A 41 -6.60 10.03 7.39
CA VAL A 41 -5.68 9.35 6.44
C VAL A 41 -6.46 8.55 5.39
N VAL A 42 -6.02 8.61 4.14
CA VAL A 42 -6.59 7.69 3.17
C VAL A 42 -5.55 6.60 2.82
N SER A 43 -6.03 5.35 2.84
CA SER A 43 -5.17 4.21 2.55
C SER A 43 -5.95 3.15 1.79
N ALA A 44 -5.33 2.00 1.65
CA ALA A 44 -5.88 0.91 0.86
C ALA A 44 -6.71 0.08 1.77
N ALA A 45 -7.83 -0.37 1.25
CA ALA A 45 -8.65 -1.28 2.07
C ALA A 45 -7.90 -2.53 2.51
N HIS A 46 -7.00 -3.04 1.70
CA HIS A 46 -6.28 -4.27 2.08
C HIS A 46 -5.21 -4.00 3.12
N CYS A 47 -5.06 -2.76 3.52
CA CYS A 47 -4.21 -2.39 4.64
C CYS A 47 -4.99 -2.39 5.96
N TYR A 48 -6.23 -2.76 5.89
CA TYR A 48 -6.98 -2.72 7.14
C TYR A 48 -6.37 -3.73 8.11
N LYS A 49 -5.97 -3.22 9.25
CA LYS A 49 -5.60 -4.03 10.44
C LYS A 49 -6.26 -3.45 11.65
N SER A 50 -6.30 -4.26 12.68
CA SER A 50 -6.48 -3.78 14.07
C SER A 50 -5.16 -3.18 14.55
N GLY A 51 -5.19 -2.34 15.52
CA GLY A 51 -3.95 -1.94 16.16
C GLY A 51 -2.91 -1.15 15.36
N ILE A 52 -3.39 -0.28 14.45
CA ILE A 52 -2.55 0.67 13.73
C ILE A 52 -2.07 1.84 14.61
N GLN A 53 -0.81 2.21 14.48
CA GLN A 53 -0.34 3.55 14.77
C GLN A 53 0.13 4.28 13.50
N VAL A 54 -0.35 5.49 13.30
CA VAL A 54 0.03 6.12 12.07
C VAL A 54 1.28 6.87 12.44
N ARG A 55 2.32 6.82 11.57
CA ARG A 55 3.51 7.66 11.78
C ARG A 55 3.73 8.74 10.74
N LEU A 56 3.75 9.97 11.18
CA LEU A 56 3.84 11.15 10.34
C LEU A 56 5.18 11.86 10.45
N GLY A 57 5.60 12.55 9.39
CA GLY A 57 6.89 13.28 9.46
C GLY A 57 8.10 12.34 9.52
N GLU A 58 7.94 11.19 8.90
CA GLU A 58 9.06 10.25 8.82
C GLU A 58 9.96 10.58 7.65
N ASP A 59 11.17 10.11 7.82
CA ASP A 59 12.05 9.84 6.69
C ASP A 59 12.65 8.45 6.80
N ASN A 60 13.55 8.38 7.74
CA ASN A 60 13.97 7.09 8.28
C ASN A 60 13.00 6.52 9.31
N ILE A 61 12.33 5.47 8.87
CA ILE A 61 11.36 4.77 9.70
C ILE A 61 11.98 3.95 10.80
N ASN A 62 13.26 4.01 10.87
CA ASN A 62 13.98 3.22 11.86
C ASN A 62 14.74 4.15 12.73
N VAL A 63 14.82 5.40 12.49
CA VAL A 63 15.40 6.18 13.58
C VAL A 63 14.53 7.37 13.93
N VAL A 64 14.63 7.90 15.15
CA VAL A 64 13.75 8.95 15.57
C VAL A 64 14.37 10.31 15.30
N GLU A 65 14.12 10.78 14.15
CA GLU A 65 14.90 11.91 13.70
C GLU A 65 14.41 13.25 14.19
N GLY A 66 13.30 13.19 14.90
CA GLY A 66 12.76 14.35 15.61
C GLY A 66 11.52 14.97 15.01
N ASN A 67 11.15 14.55 13.85
CA ASN A 67 10.06 15.24 13.13
C ASN A 67 8.73 14.49 13.20
N GLU A 68 8.80 13.38 13.86
CA GLU A 68 7.70 12.44 14.02
C GLU A 68 6.56 12.89 14.91
N GLN A 69 5.43 12.31 14.60
CA GLN A 69 4.19 12.31 15.38
C GLN A 69 3.61 10.97 15.14
N PHE A 70 3.56 10.17 16.19
CA PHE A 70 3.07 8.78 16.14
C PHE A 70 1.68 8.82 16.76
N ILE A 71 0.63 8.73 16.00
CA ILE A 71 -0.73 8.87 16.52
C ILE A 71 -1.53 7.65 16.14
N SER A 72 -2.07 6.99 17.11
CA SER A 72 -2.93 5.87 16.92
C SER A 72 -4.21 6.29 16.24
N ALA A 73 -4.84 5.34 15.59
CA ALA A 73 -6.14 5.57 14.97
C ALA A 73 -7.29 5.24 15.91
N SER A 74 -8.32 6.05 15.89
CA SER A 74 -9.56 5.73 16.62
C SER A 74 -10.53 4.89 15.82
N LYS A 75 -10.64 5.13 14.54
CA LYS A 75 -11.50 4.40 13.61
C LYS A 75 -10.77 4.13 12.29
N SER A 76 -11.18 3.06 11.64
CA SER A 76 -10.75 2.70 10.29
C SER A 76 -11.94 2.30 9.44
N ILE A 77 -12.28 3.09 8.45
CA ILE A 77 -13.41 2.79 7.61
C ILE A 77 -13.02 2.31 6.21
N VAL A 78 -13.26 1.07 6.01
CA VAL A 78 -13.10 0.40 4.71
C VAL A 78 -14.33 0.67 3.86
N HIS A 79 -14.11 0.86 2.60
CA HIS A 79 -15.18 1.17 1.69
C HIS A 79 -16.23 0.06 1.66
N PRO A 80 -17.44 0.50 1.89
CA PRO A 80 -18.61 -0.39 1.98
C PRO A 80 -18.70 -1.40 0.85
N SER A 81 -18.12 -1.11 -0.26
CA SER A 81 -18.11 -2.10 -1.35
C SER A 81 -16.74 -2.65 -1.71
N TYR A 82 -15.82 -2.60 -0.77
CA TYR A 82 -14.52 -3.22 -1.03
C TYR A 82 -14.73 -4.71 -1.29
N ASN A 83 -14.13 -5.23 -2.37
CA ASN A 83 -14.20 -6.64 -2.77
C ASN A 83 -12.81 -7.28 -2.68
N SER A 84 -12.64 -8.09 -1.65
CA SER A 84 -11.44 -8.83 -1.27
C SER A 84 -10.93 -9.66 -2.45
N ASN A 85 -11.84 -10.14 -3.28
CA ASN A 85 -11.38 -10.94 -4.41
C ASN A 85 -10.96 -10.04 -5.55
N THR A 86 -11.90 -9.26 -6.06
CA THR A 86 -11.68 -8.48 -7.28
C THR A 86 -10.87 -7.22 -7.07
N LEU A 87 -10.68 -6.88 -5.82
CA LEU A 87 -9.88 -5.76 -5.31
C LEU A 87 -10.55 -4.45 -5.63
N ASN A 88 -11.78 -4.58 -6.06
CA ASN A 88 -12.50 -3.33 -6.39
C ASN A 88 -12.89 -2.49 -5.17
N ASN A 89 -12.74 -1.20 -5.31
CA ASN A 89 -12.99 -0.18 -4.29
C ASN A 89 -12.04 -0.28 -3.12
N ASP A 90 -10.79 -0.48 -3.49
CA ASP A 90 -9.67 -0.63 -2.55
C ASP A 90 -9.19 0.71 -1.97
N ILE A 91 -10.04 1.15 -1.04
CA ILE A 91 -9.98 2.44 -0.32
C ILE A 91 -10.48 2.32 1.14
N MET A 92 -9.77 2.99 2.03
CA MET A 92 -10.06 2.96 3.49
C MET A 92 -9.70 4.31 4.01
N LEU A 93 -10.45 4.76 5.00
CA LEU A 93 -10.16 6.03 5.73
C LEU A 93 -9.84 5.82 7.20
N ILE A 94 -8.91 6.55 7.64
CA ILE A 94 -8.43 6.26 8.95
C ILE A 94 -8.48 7.57 9.71
N LYS A 95 -9.20 7.52 10.81
CA LYS A 95 -9.30 8.62 11.75
C LYS A 95 -8.21 8.47 12.83
N LEU A 96 -7.43 9.51 12.98
CA LEU A 96 -6.51 9.67 14.10
C LEU A 96 -7.20 9.76 15.47
N LYS A 97 -6.62 9.26 16.54
CA LYS A 97 -7.10 9.53 17.91
C LYS A 97 -7.15 11.01 18.18
N SER A 98 -6.10 11.68 17.78
CA SER A 98 -5.98 13.12 17.94
C SER A 98 -5.40 13.79 16.71
N ALA A 99 -5.69 15.03 16.56
CA ALA A 99 -5.31 15.71 15.33
C ALA A 99 -3.80 15.90 15.18
N ALA A 100 -3.28 15.84 14.00
CA ALA A 100 -1.85 16.03 13.84
C ALA A 100 -1.53 17.53 13.90
N SER A 101 -0.35 17.86 14.43
CA SER A 101 0.15 19.22 14.26
C SER A 101 0.89 19.43 12.93
N LEU A 102 0.33 20.31 12.17
CA LEU A 102 0.59 20.42 10.74
C LEU A 102 1.56 21.55 10.57
N ASN A 103 2.64 21.26 9.96
CA ASN A 103 3.70 22.23 9.70
C ASN A 103 4.22 22.07 8.28
N SER A 104 5.53 22.16 8.14
CA SER A 104 6.18 22.10 6.82
C SER A 104 6.66 20.72 6.43
N ARG A 105 7.04 20.01 7.46
CA ARG A 105 7.41 18.59 7.40
C ARG A 105 6.17 17.73 7.55
N VAL A 106 5.05 18.31 8.00
CA VAL A 106 3.82 17.50 8.13
C VAL A 106 2.59 18.20 7.58
N ALA A 107 2.21 17.75 6.41
CA ALA A 107 1.21 18.46 5.65
C ALA A 107 0.17 17.62 4.93
N SER A 108 -0.92 18.17 4.51
CA SER A 108 -1.88 17.27 3.87
C SER A 108 -1.91 17.45 2.36
N ILE A 109 -2.60 16.59 1.60
CA ILE A 109 -2.63 16.61 0.12
C ILE A 109 -4.07 16.72 -0.32
N SER A 110 -4.32 17.65 -1.23
CA SER A 110 -5.65 18.00 -1.72
C SER A 110 -6.18 16.88 -2.58
N LEU A 111 -7.48 16.69 -2.44
CA LEU A 111 -8.26 15.69 -3.17
C LEU A 111 -8.45 16.18 -4.59
N PRO A 112 -8.54 15.32 -5.59
CA PRO A 112 -8.69 15.81 -6.95
C PRO A 112 -10.09 16.42 -7.07
N THR A 113 -10.13 17.40 -7.94
CA THR A 113 -11.33 18.08 -8.45
C THR A 113 -11.63 17.61 -9.87
N SER A 114 -10.69 16.91 -10.46
CA SER A 114 -11.03 16.01 -11.59
C SER A 114 -10.01 14.90 -11.82
N CYS A 115 -10.40 13.93 -12.56
CA CYS A 115 -9.45 12.87 -12.84
C CYS A 115 -8.35 13.24 -13.83
N ALA A 116 -7.21 12.68 -13.56
CA ALA A 116 -6.10 12.78 -14.49
C ALA A 116 -6.28 11.82 -15.67
N SER A 117 -5.84 12.36 -16.80
CA SER A 117 -5.74 11.74 -18.13
C SER A 117 -4.47 10.86 -18.26
N ALA A 118 -4.50 9.88 -19.16
CA ALA A 118 -3.29 9.10 -19.53
C ALA A 118 -2.16 10.02 -19.97
N GLY A 119 -0.97 9.76 -19.52
CA GLY A 119 0.09 10.65 -19.89
C GLY A 119 0.56 11.56 -18.79
N THR A 120 -0.38 11.88 -17.91
CA THR A 120 -0.03 12.71 -16.72
C THR A 120 1.04 12.07 -15.86
N GLN A 121 2.13 12.75 -15.60
CA GLN A 121 3.23 12.19 -14.81
C GLN A 121 3.02 12.36 -13.32
N CYS A 122 3.20 11.32 -12.52
CA CYS A 122 2.85 11.40 -11.09
C CYS A 122 4.02 11.09 -10.18
N LEU A 123 3.92 11.32 -8.90
CA LEU A 123 4.90 10.87 -7.89
C LEU A 123 4.32 9.82 -6.94
N ILE A 124 4.93 8.69 -6.97
CA ILE A 124 4.64 7.54 -6.12
C ILE A 124 5.73 7.44 -5.06
N SER A 125 5.33 7.40 -3.81
CA SER A 125 6.29 7.39 -2.69
C SER A 125 6.00 6.18 -1.83
N GLY A 126 6.96 5.80 -1.01
CA GLY A 126 6.73 4.70 -0.11
C GLY A 126 8.01 4.05 0.36
N TRP A 127 7.90 3.29 1.42
CA TRP A 127 9.08 2.58 1.90
C TRP A 127 8.97 1.12 1.55
N GLY A 128 8.38 0.76 0.41
CA GLY A 128 8.35 -0.64 -0.03
C GLY A 128 9.71 -1.19 -0.53
N ASN A 129 9.72 -2.48 -0.79
CA ASN A 129 10.80 -3.23 -1.46
C ASN A 129 11.28 -2.50 -2.72
N THR A 130 12.60 -2.36 -2.79
CA THR A 130 13.33 -1.61 -3.81
C THR A 130 14.01 -2.48 -4.91
N LYS A 131 13.83 -3.80 -4.79
CA LYS A 131 14.30 -4.85 -5.75
C LYS A 131 13.14 -5.54 -6.46
N SER A 132 13.21 -5.58 -7.78
CA SER A 132 12.19 -6.11 -8.69
C SER A 132 11.97 -7.58 -8.38
N SER A 133 13.09 -8.20 -8.22
CA SER A 133 13.25 -9.58 -7.82
C SER A 133 14.49 -9.44 -6.96
N GLY A 134 14.32 -9.98 -5.78
CA GLY A 134 15.06 -9.63 -4.59
C GLY A 134 14.24 -9.02 -3.45
N THR A 135 14.98 -8.74 -2.40
CA THR A 135 14.50 -8.06 -1.21
C THR A 135 15.46 -7.02 -0.68
N SER A 136 14.92 -5.85 -0.50
CA SER A 136 15.55 -4.74 0.17
C SER A 136 14.54 -3.63 0.44
N TYR A 137 14.27 -3.45 1.71
CA TYR A 137 13.38 -2.45 2.30
C TYR A 137 14.16 -1.26 2.80
N PRO A 138 13.93 -0.09 2.28
CA PRO A 138 14.77 1.06 2.59
C PRO A 138 14.49 1.61 3.99
N ASP A 139 15.30 2.52 4.46
CA ASP A 139 15.17 3.12 5.77
C ASP A 139 14.45 4.46 5.61
N VAL A 140 14.89 5.17 4.64
CA VAL A 140 14.34 6.44 4.18
C VAL A 140 13.32 6.32 3.04
N LEU A 141 12.55 7.36 2.85
CA LEU A 141 11.48 7.41 1.85
C LEU A 141 12.05 7.41 0.44
N LYS A 142 11.56 6.51 -0.38
CA LYS A 142 11.80 6.52 -1.87
C LYS A 142 10.65 7.08 -2.70
N CYS A 143 10.99 7.76 -3.80
CA CYS A 143 10.05 8.33 -4.77
C CYS A 143 10.30 7.77 -6.15
N LEU A 144 9.29 7.89 -6.98
CA LEU A 144 9.23 7.45 -8.40
C LEU A 144 8.25 8.31 -9.19
N LYS A 145 8.71 8.90 -10.27
CA LYS A 145 7.79 9.57 -11.17
C LYS A 145 7.40 8.62 -12.29
N ALA A 146 6.11 8.45 -12.53
CA ALA A 146 5.59 7.42 -13.43
C ALA A 146 4.30 7.90 -14.03
N PRO A 147 4.09 7.75 -15.33
CA PRO A 147 3.00 8.45 -16.05
C PRO A 147 1.74 7.64 -15.85
N ILE A 148 0.63 8.27 -15.94
CA ILE A 148 -0.59 7.51 -15.97
C ILE A 148 -0.75 6.73 -17.27
N LEU A 149 -1.19 5.47 -17.16
CA LEU A 149 -1.44 4.66 -18.37
C LEU A 149 -2.88 4.70 -18.82
N SER A 150 -3.02 4.49 -20.09
CA SER A 150 -4.32 4.55 -20.73
C SER A 150 -5.13 3.34 -20.33
N ASP A 151 -6.39 3.51 -20.30
CA ASP A 151 -7.24 2.40 -19.81
C ASP A 151 -7.10 1.20 -20.72
N SER A 152 -6.92 1.55 -21.97
CA SER A 152 -6.95 0.51 -22.99
C SER A 152 -5.75 -0.41 -22.88
N SER A 153 -4.65 0.25 -22.61
CA SER A 153 -3.39 -0.46 -22.36
C SER A 153 -3.38 -1.18 -21.01
N CYS A 154 -3.91 -0.49 -20.01
CA CYS A 154 -4.10 -1.13 -18.71
C CYS A 154 -4.90 -2.43 -18.84
N LYS A 155 -5.94 -2.37 -19.62
CA LYS A 155 -6.81 -3.56 -19.69
C LYS A 155 -6.27 -4.67 -20.56
N SER A 156 -5.25 -4.34 -21.34
CA SER A 156 -4.49 -5.33 -22.09
C SER A 156 -3.47 -5.97 -21.17
N ALA A 157 -2.84 -5.12 -20.36
CA ALA A 157 -1.95 -5.70 -19.32
C ALA A 157 -2.68 -6.64 -18.36
N TYR A 158 -3.89 -6.30 -17.91
CA TYR A 158 -4.63 -7.23 -17.02
C TYR A 158 -6.04 -7.49 -17.48
N PRO A 159 -6.12 -8.34 -18.43
CA PRO A 159 -7.38 -8.68 -19.09
C PRO A 159 -8.43 -9.21 -18.13
N GLY A 160 -9.58 -8.61 -18.15
CA GLY A 160 -10.71 -9.07 -17.30
C GLY A 160 -10.64 -8.77 -15.81
N GLN A 161 -9.76 -7.85 -15.43
CA GLN A 161 -9.42 -7.64 -14.02
C GLN A 161 -9.41 -6.19 -13.59
N ILE A 162 -9.38 -5.31 -14.53
CA ILE A 162 -9.36 -3.86 -14.27
C ILE A 162 -10.80 -3.34 -14.22
N THR A 163 -11.18 -2.65 -13.16
CA THR A 163 -12.51 -2.03 -13.05
C THR A 163 -12.42 -0.55 -13.37
N SER A 164 -13.55 0.11 -13.30
CA SER A 164 -13.61 1.55 -13.59
C SER A 164 -12.87 2.32 -12.50
N ASN A 165 -12.69 1.63 -11.41
CA ASN A 165 -12.14 2.28 -10.21
C ASN A 165 -10.65 2.06 -10.10
N MET A 166 -10.09 1.56 -11.19
CA MET A 166 -8.64 1.30 -11.22
C MET A 166 -7.92 1.99 -12.34
N PHE A 167 -6.70 2.40 -12.07
CA PHE A 167 -5.74 2.84 -13.12
C PHE A 167 -4.35 2.21 -13.00
N CYS A 168 -3.67 2.08 -14.12
CA CYS A 168 -2.31 1.58 -14.29
C CYS A 168 -1.39 2.73 -14.46
N ALA A 169 -0.26 2.61 -13.86
CA ALA A 169 0.68 3.67 -14.03
C ALA A 169 2.02 2.98 -14.01
N GLY A 170 2.96 3.60 -14.62
CA GLY A 170 4.30 3.05 -14.73
C GLY A 170 4.75 2.89 -16.18
N TYR A 171 5.62 1.94 -16.40
CA TYR A 171 6.42 1.79 -17.65
C TYR A 171 6.36 0.35 -18.10
N LEU A 172 5.77 0.13 -19.28
CA LEU A 172 5.61 -1.18 -19.94
C LEU A 172 6.95 -1.92 -20.02
N GLU A 173 8.05 -1.19 -20.03
CA GLU A 173 9.38 -1.78 -19.98
C GLU A 173 9.68 -2.60 -18.70
N GLY A 174 9.07 -2.14 -17.60
CA GLY A 174 9.38 -2.58 -16.24
C GLY A 174 10.65 -1.94 -15.72
N GLY A 175 11.09 -2.37 -14.55
CA GLY A 175 12.26 -1.80 -13.84
C GLY A 175 12.00 -0.70 -12.81
N LYS A 176 10.94 0.01 -13.04
CA LYS A 176 10.50 1.12 -12.21
C LYS A 176 9.06 0.86 -11.73
N ASP A 177 8.84 0.57 -10.46
CA ASP A 177 7.45 0.24 -10.05
C ASP A 177 7.16 0.60 -8.57
N SER A 178 6.03 0.18 -8.02
CA SER A 178 6.02 0.19 -6.57
C SER A 178 5.75 -1.25 -6.16
N CYS A 179 5.92 -1.58 -4.92
CA CYS A 179 6.05 -2.98 -4.59
C CYS A 179 5.47 -3.21 -3.21
N GLN A 180 5.54 -4.41 -2.70
CA GLN A 180 5.32 -4.77 -1.28
C GLN A 180 5.99 -3.83 -0.29
N GLY A 181 5.11 -3.24 0.53
CA GLY A 181 5.35 -2.22 1.55
C GLY A 181 4.72 -0.90 1.13
N ASP A 182 4.29 -0.85 -0.16
CA ASP A 182 3.97 0.46 -0.77
C ASP A 182 2.51 0.80 -0.70
N SER A 183 1.73 -0.24 -0.59
CA SER A 183 0.25 -0.13 -0.59
C SER A 183 -0.29 0.96 0.32
N GLY A 184 -1.41 1.56 -0.04
CA GLY A 184 -2.02 2.66 0.73
C GLY A 184 -1.45 4.02 0.40
N GLY A 185 -0.16 4.08 0.03
CA GLY A 185 0.60 5.34 -0.28
C GLY A 185 0.16 6.03 -1.57
N PRO A 186 0.50 7.26 -1.67
CA PRO A 186 -0.02 8.19 -2.68
C PRO A 186 0.50 7.92 -4.10
N VAL A 187 -0.31 8.39 -5.02
CA VAL A 187 0.01 8.79 -6.38
C VAL A 187 -0.49 10.21 -6.59
N VAL A 188 0.39 11.15 -6.41
CA VAL A 188 0.09 12.55 -6.52
C VAL A 188 0.31 13.18 -7.92
N CYS A 189 -0.70 13.76 -8.50
CA CYS A 189 -0.41 14.31 -9.81
C CYS A 189 -0.74 15.80 -9.94
N SER A 190 0.23 16.62 -10.14
CA SER A 190 -0.05 18.05 -10.26
C SER A 190 -0.74 18.58 -9.04
N GLY A 191 -0.31 18.05 -7.95
CA GLY A 191 -0.66 18.59 -6.64
C GLY A 191 -1.77 17.84 -5.92
N LYS A 192 -2.49 17.09 -6.72
CA LYS A 192 -3.72 16.51 -6.24
C LYS A 192 -3.57 15.02 -5.94
N LEU A 193 -4.31 14.45 -5.05
CA LEU A 193 -4.13 12.99 -4.83
C LEU A 193 -4.94 12.12 -5.78
N GLN A 194 -4.29 11.43 -6.71
CA GLN A 194 -5.06 10.70 -7.73
C GLN A 194 -5.17 9.19 -7.50
N GLY A 195 -4.18 8.65 -6.87
CA GLY A 195 -4.25 7.20 -6.74
C GLY A 195 -3.84 6.71 -5.37
N ILE A 196 -4.15 5.45 -5.18
CA ILE A 196 -3.63 4.70 -4.04
C ILE A 196 -2.94 3.46 -4.58
N VAL A 197 -1.68 3.29 -4.22
CA VAL A 197 -0.89 2.08 -4.49
C VAL A 197 -1.63 0.79 -4.09
N SER A 198 -1.93 -0.06 -5.04
CA SER A 198 -2.80 -1.14 -4.65
C SER A 198 -2.27 -2.53 -4.99
N TRP A 199 -1.94 -2.80 -6.24
CA TRP A 199 -1.60 -4.17 -6.73
C TRP A 199 -1.00 -4.24 -8.15
N GLY A 200 -0.59 -5.45 -8.52
CA GLY A 200 0.29 -5.70 -9.66
C GLY A 200 0.64 -7.16 -9.85
N SER A 201 1.26 -7.60 -10.95
CA SER A 201 1.87 -8.95 -10.99
C SER A 201 3.38 -8.90 -10.79
N GLY A 202 3.79 -9.30 -9.60
CA GLY A 202 5.13 -9.09 -9.11
C GLY A 202 5.43 -7.63 -8.87
N CYS A 203 6.63 -7.19 -9.08
CA CYS A 203 6.86 -5.74 -9.13
C CYS A 203 7.82 -5.43 -10.26
N ALA A 204 7.60 -4.36 -10.97
CA ALA A 204 8.55 -3.87 -11.97
C ALA A 204 8.83 -4.87 -13.07
N GLN A 205 7.87 -5.73 -13.34
CA GLN A 205 7.81 -6.50 -14.60
C GLN A 205 7.38 -5.85 -15.92
N LYS A 206 7.96 -6.35 -16.99
CA LYS A 206 7.63 -5.94 -18.37
C LYS A 206 6.17 -6.25 -18.62
N ASN A 207 5.47 -5.29 -19.20
CA ASN A 207 4.07 -5.44 -19.53
C ASN A 207 3.14 -5.59 -18.33
N LYS A 208 3.65 -5.43 -17.13
CA LYS A 208 2.75 -5.51 -15.97
C LYS A 208 2.96 -4.32 -15.06
N PRO A 209 2.32 -3.26 -15.44
CA PRO A 209 2.45 -1.99 -14.73
C PRO A 209 1.84 -2.15 -13.33
N GLY A 210 2.01 -1.20 -12.49
CA GLY A 210 1.24 -1.18 -11.25
C GLY A 210 -0.21 -0.76 -11.48
N VAL A 211 -1.05 -1.27 -10.61
CA VAL A 211 -2.48 -0.91 -10.48
C VAL A 211 -2.82 -0.21 -9.14
N TYR A 212 -3.52 0.93 -9.38
CA TYR A 212 -3.92 1.98 -8.46
C TYR A 212 -5.45 2.21 -8.38
N THR A 213 -5.99 2.56 -7.17
CA THR A 213 -7.39 2.98 -6.96
C THR A 213 -7.52 4.39 -7.47
N LYS A 214 -8.46 4.55 -8.40
CA LYS A 214 -8.81 5.85 -9.02
C LYS A 214 -9.53 6.80 -8.06
N VAL A 215 -8.73 7.61 -7.35
CA VAL A 215 -9.19 8.42 -6.21
C VAL A 215 -10.32 9.38 -6.53
N CYS A 216 -10.28 9.93 -7.72
CA CYS A 216 -11.25 10.94 -8.21
C CYS A 216 -12.66 10.39 -8.35
N ASN A 217 -12.80 9.08 -8.23
CA ASN A 217 -14.09 8.40 -8.13
C ASN A 217 -14.75 8.51 -6.74
N TYR A 218 -14.03 8.87 -5.72
CA TYR A 218 -14.46 8.62 -4.32
C TYR A 218 -14.58 9.92 -3.54
N VAL A 219 -14.28 10.97 -4.24
CA VAL A 219 -14.11 12.25 -3.57
C VAL A 219 -15.36 12.62 -2.75
N SER A 220 -16.50 12.26 -3.28
CA SER A 220 -17.76 12.53 -2.65
C SER A 220 -17.88 11.70 -1.40
N TRP A 221 -17.55 10.44 -1.58
CA TRP A 221 -17.65 9.46 -0.50
C TRP A 221 -16.73 9.81 0.65
N ILE A 222 -15.52 10.21 0.34
CA ILE A 222 -14.59 10.63 1.35
C ILE A 222 -15.07 11.86 2.11
N LYS A 223 -15.36 12.91 1.37
CA LYS A 223 -15.76 14.21 1.97
C LYS A 223 -16.91 14.02 2.96
N GLN A 224 -17.88 13.29 2.50
CA GLN A 224 -18.99 13.06 3.31
C GLN A 224 -18.66 12.24 4.54
N THR A 225 -17.98 11.10 4.31
CA THR A 225 -17.60 10.07 5.33
C THR A 225 -16.70 10.64 6.42
N ILE A 226 -15.85 11.54 5.99
CA ILE A 226 -15.09 12.34 6.93
C ILE A 226 -16.07 13.16 7.78
N ALA A 227 -17.01 13.80 7.09
CA ALA A 227 -17.88 14.84 7.66
C ALA A 227 -18.76 14.25 8.73
N SER A 228 -19.07 13.01 8.61
CA SER A 228 -20.02 12.50 9.55
C SER A 228 -19.45 11.37 10.37
N ASN A 229 -18.19 11.42 10.73
CA ASN A 229 -17.59 10.41 11.58
C ASN A 229 -16.70 11.19 12.51
N ARG B 1 -0.77 -30.88 10.19
CA ARG B 1 -1.01 -32.13 9.44
C ARG B 1 -1.30 -32.07 7.92
N PRO B 2 -2.24 -31.24 7.44
CA PRO B 2 -2.67 -31.23 6.02
C PRO B 2 -1.67 -30.85 4.90
N ASP B 3 -2.29 -30.74 3.76
CA ASP B 3 -1.75 -30.77 2.38
C ASP B 3 -1.65 -29.40 1.72
N PHE B 4 -2.44 -28.46 2.25
CA PHE B 4 -2.21 -27.00 2.04
C PHE B 4 -0.97 -26.58 2.79
N CYS B 5 -0.67 -27.39 3.76
CA CYS B 5 0.42 -27.12 4.70
C CYS B 5 1.76 -27.40 4.07
N LEU B 6 1.71 -27.94 2.88
CA LEU B 6 2.95 -28.30 2.17
C LEU B 6 3.18 -27.36 1.01
N GLU B 7 2.16 -26.57 0.75
CA GLU B 7 2.22 -25.61 -0.36
C GLU B 7 3.03 -24.40 0.04
N PRO B 8 3.76 -23.86 -0.90
CA PRO B 8 4.65 -22.73 -0.66
C PRO B 8 3.87 -21.46 -0.35
N PRO B 9 4.49 -20.55 0.35
CA PRO B 9 3.92 -19.28 0.77
C PRO B 9 3.62 -18.37 -0.41
N TYR B 10 2.39 -17.86 -0.45
CA TYR B 10 1.80 -17.00 -1.48
C TYR B 10 1.74 -15.53 -1.05
N THR B 11 2.60 -14.65 -1.61
CA THR B 11 2.48 -13.24 -1.28
C THR B 11 1.26 -12.62 -1.92
N GLY B 12 1.02 -13.04 -3.16
CA GLY B 12 0.02 -12.44 -4.03
C GLY B 12 0.35 -11.01 -4.44
N PRO B 13 -0.64 -10.44 -5.19
CA PRO B 13 -0.51 -9.22 -6.02
C PRO B 13 -0.52 -7.90 -5.25
N CYS B 14 -1.14 -7.92 -4.05
CA CYS B 14 -1.29 -6.69 -3.28
C CYS B 14 0.05 -6.37 -2.65
N ARG B 15 0.31 -5.09 -2.54
CA ARG B 15 1.56 -4.45 -2.14
C ARG B 15 1.65 -4.01 -0.67
N ALA B 16 0.94 -4.71 0.19
CA ALA B 16 1.17 -4.49 1.62
C ALA B 16 2.51 -5.07 2.03
N ARG B 17 2.90 -4.88 3.22
CA ARG B 17 4.04 -5.67 3.72
C ARG B 17 3.75 -6.27 5.10
N ILE B 18 3.02 -7.33 5.11
CA ILE B 18 2.44 -7.87 6.33
C ILE B 18 3.11 -9.19 6.64
N ILE B 19 3.75 -9.29 7.80
CA ILE B 19 4.44 -10.51 8.20
C ILE B 19 3.49 -11.57 8.71
N ARG B 20 3.42 -12.65 8.00
CA ARG B 20 2.60 -13.83 8.37
C ARG B 20 3.48 -15.06 8.53
N TYR B 21 2.80 -16.15 8.75
CA TYR B 21 3.33 -17.49 8.95
C TYR B 21 2.88 -18.52 7.93
N PHE B 22 3.80 -19.39 7.62
CA PHE B 22 3.46 -20.58 6.85
C PHE B 22 4.12 -21.83 7.41
N TYR B 23 3.54 -22.95 7.14
CA TYR B 23 4.22 -24.19 7.43
C TYR B 23 5.31 -24.52 6.39
N ASN B 24 6.57 -24.52 6.86
CA ASN B 24 7.70 -24.91 6.01
C ASN B 24 7.98 -26.36 6.28
N ALA B 25 7.62 -27.27 5.42
CA ALA B 25 7.88 -28.66 5.80
C ALA B 25 9.34 -29.06 5.61
N LYS B 26 10.06 -28.30 4.83
CA LYS B 26 11.47 -28.66 4.72
C LYS B 26 12.19 -28.24 5.98
N ALA B 27 11.68 -27.24 6.70
CA ALA B 27 12.27 -27.01 8.01
C ALA B 27 11.62 -27.78 9.15
N GLY B 28 10.43 -28.27 8.91
CA GLY B 28 9.75 -28.87 10.09
C GLY B 28 9.30 -27.82 11.12
N LEU B 29 9.14 -26.63 10.67
CA LEU B 29 8.52 -25.65 11.53
C LEU B 29 7.87 -24.53 10.73
N CYS B 30 7.11 -23.74 11.45
CA CYS B 30 6.39 -22.59 10.95
C CYS B 30 7.29 -21.36 10.80
N GLN B 31 7.28 -20.76 9.62
CA GLN B 31 8.14 -19.62 9.37
C GLN B 31 7.41 -18.33 9.00
N THR B 32 8.11 -17.25 9.00
CA THR B 32 7.50 -16.01 8.59
C THR B 32 7.76 -15.76 7.11
N PHE B 33 6.89 -14.97 6.47
CA PHE B 33 6.93 -14.58 5.02
C PHE B 33 6.15 -13.31 4.82
N VAL B 34 6.38 -12.64 3.69
CA VAL B 34 5.74 -11.32 3.44
C VAL B 34 4.45 -11.46 2.69
N TYR B 35 3.35 -11.11 3.33
CA TYR B 35 2.04 -11.30 2.70
C TYR B 35 1.57 -9.96 2.17
N GLY B 36 1.29 -9.87 0.88
CA GLY B 36 0.93 -8.57 0.27
C GLY B 36 -0.52 -8.08 0.53
N GLY B 37 -1.34 -8.80 1.25
CA GLY B 37 -2.56 -8.13 1.76
C GLY B 37 -3.85 -8.76 1.26
N CYS B 38 -3.73 -9.50 0.19
CA CYS B 38 -4.92 -10.05 -0.46
C CYS B 38 -4.70 -11.44 -1.06
N ARG B 39 -5.79 -12.11 -1.24
CA ARG B 39 -5.94 -13.38 -1.93
C ARG B 39 -5.15 -14.50 -1.28
N ALA B 40 -4.97 -14.40 0.02
CA ALA B 40 -4.24 -15.38 0.79
C ALA B 40 -4.65 -16.82 0.47
N LYS B 41 -3.68 -17.72 0.50
CA LYS B 41 -3.96 -19.14 0.49
C LYS B 41 -3.97 -19.76 1.89
N ARG B 42 -4.13 -21.03 2.04
CA ARG B 42 -4.35 -21.54 3.38
C ARG B 42 -3.11 -21.64 4.25
N ASN B 43 -1.94 -21.77 3.68
CA ASN B 43 -0.70 -21.80 4.45
C ASN B 43 -0.24 -20.38 4.74
N ASN B 44 -1.11 -19.70 5.46
CA ASN B 44 -0.99 -18.27 5.80
C ASN B 44 -1.69 -18.08 7.13
N PHE B 45 -0.86 -18.01 8.16
CA PHE B 45 -1.36 -17.93 9.55
C PHE B 45 -1.02 -16.61 10.22
N LYS B 46 -1.74 -16.15 11.20
CA LYS B 46 -1.42 -14.82 11.76
C LYS B 46 -0.55 -14.92 13.01
N SER B 47 -0.44 -16.08 13.48
CA SER B 47 0.60 -16.35 14.47
C SER B 47 1.25 -17.69 14.24
N ALA B 48 2.38 -17.88 14.89
CA ALA B 48 3.08 -19.20 14.91
C ALA B 48 2.24 -20.23 15.67
N GLU B 49 1.55 -19.81 16.70
CA GLU B 49 0.79 -20.78 17.49
C GLU B 49 -0.36 -21.39 16.70
N ASP B 50 -1.01 -20.58 15.89
CA ASP B 50 -2.09 -21.07 15.00
C ASP B 50 -1.54 -22.04 13.98
N CYS B 51 -0.37 -21.62 13.48
CA CYS B 51 0.24 -22.35 12.37
C CYS B 51 0.63 -23.75 12.84
N MET B 52 1.23 -23.76 14.03
CA MET B 52 1.67 -24.97 14.63
C MET B 52 0.44 -25.85 14.88
N ARG B 53 -0.70 -25.23 15.14
CA ARG B 53 -1.88 -26.01 15.59
C ARG B 53 -2.65 -26.61 14.43
N THR B 54 -2.67 -25.91 13.33
CA THR B 54 -3.28 -26.42 12.11
C THR B 54 -2.33 -27.30 11.35
N CYS B 55 -1.15 -26.78 11.12
CA CYS B 55 -0.19 -27.49 10.27
C CYS B 55 0.87 -28.37 10.94
N GLY B 56 1.21 -28.08 12.20
CA GLY B 56 2.41 -28.60 12.91
C GLY B 56 2.55 -30.10 12.87
N GLY B 57 3.63 -30.56 12.32
CA GLY B 57 3.82 -32.00 12.10
C GLY B 57 3.34 -32.50 10.73
N ALA B 58 3.44 -31.64 9.71
CA ALA B 58 2.98 -32.12 8.41
C ALA B 58 4.11 -32.55 7.49
#